data_5IJ6
#
_entry.id   5IJ6
#
_cell.length_a   53.011
_cell.length_b   70.912
_cell.length_c   106.466
_cell.angle_alpha   90.000
_cell.angle_beta   90.000
_cell.angle_gamma   90.000
#
_symmetry.space_group_name_H-M   'P 21 21 21'
#
loop_
_entity.id
_entity.type
_entity.pdbx_description
1 polymer 'Lipoate--protein ligase'
2 non-polymer 'LIPOIC ACID'
3 non-polymer 'SULFATE ION'
4 non-polymer 'CHLORIDE ION'
5 water water
#
_entity_poly.entity_id   1
_entity_poly.type   'polypeptide(L)'
_entity_poly.pdbx_seq_one_letter_code
;MHHHHHHSSGRENLYFQGMRYVIMQSRDIRENLATEDYLLNTLSFEEPLVLFYIQEPCVILGRNQNAYEEIDLAYAREKG
IVITRRLSGGGAVYDDLGNVSFSFVVQEGHQAFGDFKAFTKPIIEALHKMGATGAEISGRNDLLIDGKKFSGNAMYTKKG
KMYTHGTLMYDVDLAEVQRVLTVSKKKIESKGTKSVRGRVTNLRPYLDEKYQQLTIEEFRNRLLMELFDVESLTEIAEKE
YVLTKADQQEIRKLVAEVYGNEAWIFGEAPKFTIKKEEKFKGGIVDARLTVEKGKIIELTIYGDYFAKKETTEIVAALLG
VDYQYSSIWQALAAFNFEDYFVNITKEEFVHLLVD
;
_entity_poly.pdbx_strand_id   A
#
# COMPACT_ATOMS: atom_id res chain seq x y z
N GLY A 18 23.20 8.29 5.39
CA GLY A 18 23.28 7.87 3.96
C GLY A 18 22.00 8.08 3.15
N MET A 19 20.90 8.39 3.82
CA MET A 19 19.62 8.47 3.15
C MET A 19 19.53 9.68 2.22
N ARG A 20 18.76 9.52 1.16
CA ARG A 20 18.49 10.56 0.20
C ARG A 20 17.02 10.75 0.21
N TYR A 21 16.54 11.83 -0.40
CA TYR A 21 15.11 12.02 -0.50
C TYR A 21 14.68 12.44 -1.91
N VAL A 22 13.40 12.20 -2.20
CA VAL A 22 12.81 12.57 -3.46
C VAL A 22 11.48 13.22 -3.15
N ILE A 23 11.31 14.43 -3.66
CA ILE A 23 10.03 15.12 -3.56
C ILE A 23 9.36 15.04 -4.91
N MET A 24 8.30 14.28 -5.01
CA MET A 24 7.65 14.10 -6.32
C MET A 24 6.87 15.35 -6.68
N GLN A 25 7.00 15.76 -7.94
CA GLN A 25 6.46 17.05 -8.41
C GLN A 25 5.03 16.88 -8.93
N SER A 26 4.70 15.69 -9.41
CA SER A 26 3.39 15.44 -9.99
C SER A 26 2.29 15.42 -8.90
N ARG A 27 1.04 15.68 -9.32
CA ARG A 27 -0.12 15.47 -8.43
C ARG A 27 -1.03 14.33 -8.94
N ASP A 28 -0.43 13.41 -9.72
CA ASP A 28 -1.12 12.26 -10.29
C ASP A 28 -0.63 11.02 -9.56
N ILE A 29 -1.56 10.33 -8.88
CA ILE A 29 -1.22 9.14 -8.12
C ILE A 29 -0.53 8.08 -9.01
N ARG A 30 -0.91 8.02 -10.28
CA ARG A 30 -0.38 7.00 -11.18
C ARG A 30 1.08 7.26 -11.51
N GLU A 31 1.44 8.50 -11.79
CA GLU A 31 2.84 8.87 -11.96
C GLU A 31 3.64 8.70 -10.66
N ASN A 32 3.05 9.07 -9.52
CA ASN A 32 3.75 8.93 -8.24
C ASN A 32 4.01 7.47 -7.86
N LEU A 33 3.02 6.60 -8.04
CA LEU A 33 3.26 5.15 -7.80
C LEU A 33 4.29 4.59 -8.75
N ALA A 34 4.27 5.03 -10.01
CA ALA A 34 5.21 4.53 -11.02
C ALA A 34 6.62 4.97 -10.66
N THR A 35 6.74 6.18 -10.11
CA THR A 35 8.03 6.71 -9.68
C THR A 35 8.62 5.85 -8.56
N GLU A 36 7.81 5.59 -7.55
CA GLU A 36 8.18 4.69 -6.46
C GLU A 36 8.59 3.30 -6.98
N ASP A 37 7.73 2.71 -7.82
CA ASP A 37 8.02 1.42 -8.52
C ASP A 37 9.41 1.46 -9.20
N TYR A 38 9.63 2.51 -9.98
CA TYR A 38 10.85 2.64 -10.74
C TYR A 38 12.10 2.81 -9.84
N LEU A 39 11.96 3.61 -8.78
CA LEU A 39 13.07 3.86 -7.86
C LEU A 39 13.42 2.59 -7.06
N LEU A 40 12.41 1.81 -6.68
CA LEU A 40 12.66 0.50 -6.04
C LEU A 40 13.41 -0.42 -6.99
N ASN A 41 12.97 -0.46 -8.22
CA ASN A 41 13.57 -1.37 -9.19
C ASN A 41 14.97 -0.98 -9.69
N THR A 42 15.40 0.25 -9.39
CA THR A 42 16.76 0.71 -9.73
C THR A 42 17.59 1.15 -8.49
N LEU A 43 17.20 0.67 -7.30
CA LEU A 43 17.83 1.07 -6.03
C LEU A 43 19.25 0.48 -5.90
N SER A 44 20.13 1.21 -5.22
CA SER A 44 21.46 0.70 -4.83
C SER A 44 21.47 0.50 -3.30
N PHE A 45 22.30 -0.43 -2.82
CA PHE A 45 22.48 -0.63 -1.37
C PHE A 45 23.15 0.62 -0.76
N GLU A 46 24.00 1.28 -1.55
CA GLU A 46 24.66 2.51 -1.13
C GLU A 46 23.71 3.53 -0.48
N GLU A 47 22.51 3.71 -1.05
CA GLU A 47 21.60 4.74 -0.56
C GLU A 47 20.14 4.31 -0.50
N PRO A 48 19.59 4.22 0.72
CA PRO A 48 18.14 4.14 0.87
C PRO A 48 17.52 5.51 0.57
N LEU A 49 16.22 5.53 0.26
CA LEU A 49 15.51 6.75 -0.10
C LEU A 49 14.32 6.97 0.79
N VAL A 50 13.97 8.24 0.98
CA VAL A 50 12.67 8.58 1.48
C VAL A 50 11.93 9.40 0.40
N LEU A 51 10.73 8.97 0.08
CA LEU A 51 9.94 9.61 -0.95
C LEU A 51 8.75 10.30 -0.28
N PHE A 52 8.38 11.47 -0.81
CA PHE A 52 7.18 12.16 -0.38
C PHE A 52 6.36 12.50 -1.60
N TYR A 53 5.08 12.16 -1.54
CA TYR A 53 4.21 12.46 -2.65
C TYR A 53 2.81 12.82 -2.27
N ILE A 54 2.26 13.73 -3.07
CA ILE A 54 0.95 14.29 -2.89
C ILE A 54 0.20 14.14 -4.21
N GLN A 55 -1.11 13.88 -4.13
CA GLN A 55 -1.92 13.67 -5.33
C GLN A 55 -3.36 14.17 -5.16
N GLU A 56 -3.98 14.47 -6.30
CA GLU A 56 -5.39 14.82 -6.38
C GLU A 56 -6.29 13.61 -6.10
N PRO A 57 -7.57 13.87 -5.70
CA PRO A 57 -8.55 12.80 -5.36
C PRO A 57 -8.39 11.47 -6.13
N CYS A 58 -8.11 10.41 -5.39
CA CYS A 58 -7.89 9.14 -6.00
C CYS A 58 -8.16 8.08 -5.02
N VAL A 59 -8.35 6.89 -5.55
CA VAL A 59 -8.43 5.67 -4.76
C VAL A 59 -7.30 4.73 -5.19
N ILE A 60 -6.63 4.15 -4.21
CA ILE A 60 -5.56 3.20 -4.49
C ILE A 60 -5.97 1.87 -3.90
N LEU A 61 -6.10 0.88 -4.77
CA LEU A 61 -6.38 -0.48 -4.35
C LEU A 61 -5.12 -1.23 -3.94
N GLY A 62 -5.23 -2.02 -2.87
CA GLY A 62 -4.25 -3.02 -2.56
C GLY A 62 -4.11 -4.02 -3.70
N ARG A 63 -2.94 -4.66 -3.74
CA ARG A 63 -2.52 -5.48 -4.84
C ARG A 63 -3.55 -6.54 -5.23
N ASN A 64 -4.21 -7.13 -4.24
CA ASN A 64 -5.10 -8.25 -4.48
C ASN A 64 -6.57 -7.92 -4.20
N GLN A 65 -6.92 -6.67 -4.18
CA GLN A 65 -8.29 -6.29 -3.91
C GLN A 65 -9.15 -6.42 -5.17
N ASN A 66 -10.43 -6.63 -4.94
CA ASN A 66 -11.43 -6.60 -5.98
C ASN A 66 -11.90 -5.15 -6.14
N ALA A 67 -11.57 -4.54 -7.28
CA ALA A 67 -11.93 -3.14 -7.56
C ALA A 67 -13.45 -2.86 -7.40
N TYR A 68 -14.23 -3.80 -7.87
CA TYR A 68 -15.67 -3.67 -7.92
C TYR A 68 -16.32 -3.76 -6.54
N GLU A 69 -15.63 -4.34 -5.58
CA GLU A 69 -16.20 -4.46 -4.25
C GLU A 69 -15.76 -3.40 -3.29
N GLU A 70 -14.68 -2.71 -3.59
CA GLU A 70 -14.09 -1.78 -2.67
C GLU A 70 -14.48 -0.34 -2.93
N ILE A 71 -14.89 -0.05 -4.16
CA ILE A 71 -15.15 1.32 -4.60
C ILE A 71 -16.58 1.47 -5.14
N ASP A 72 -17.19 2.61 -4.84
CA ASP A 72 -18.38 3.06 -5.56
C ASP A 72 -17.90 3.73 -6.86
N LEU A 73 -17.86 2.94 -7.92
CA LEU A 73 -17.27 3.34 -9.18
C LEU A 73 -18.06 4.41 -9.89
N ALA A 74 -19.39 4.35 -9.80
CA ALA A 74 -20.24 5.38 -10.37
C ALA A 74 -20.00 6.76 -9.72
N TYR A 75 -19.85 6.78 -8.40
CA TYR A 75 -19.53 8.03 -7.67
C TYR A 75 -18.12 8.54 -8.04
N ALA A 76 -17.15 7.64 -8.04
CA ALA A 76 -15.78 8.01 -8.43
C ALA A 76 -15.76 8.60 -9.84
N ARG A 77 -16.52 7.97 -10.75
CA ARG A 77 -16.65 8.43 -12.13
C ARG A 77 -17.26 9.84 -12.18
N GLU A 78 -18.36 10.03 -11.45
N GLU A 78 -18.35 10.05 -11.45
CA GLU A 78 -19.04 11.33 -11.34
CA GLU A 78 -19.02 11.35 -11.43
C GLU A 78 -18.09 12.44 -10.89
C GLU A 78 -18.11 12.46 -10.87
N LYS A 79 -17.34 12.16 -9.84
CA LYS A 79 -16.43 13.15 -9.21
C LYS A 79 -15.02 13.23 -9.80
N GLY A 80 -14.72 12.43 -10.82
CA GLY A 80 -13.40 12.45 -11.44
C GLY A 80 -12.28 11.92 -10.56
N ILE A 81 -12.61 10.93 -9.72
CA ILE A 81 -11.65 10.37 -8.77
C ILE A 81 -10.86 9.33 -9.52
N VAL A 82 -9.54 9.47 -9.53
CA VAL A 82 -8.65 8.57 -10.28
C VAL A 82 -8.51 7.23 -9.52
N ILE A 83 -8.68 6.10 -10.21
CA ILE A 83 -8.53 4.80 -9.59
C ILE A 83 -7.23 4.14 -10.06
N THR A 84 -6.45 3.60 -9.13
CA THR A 84 -5.30 2.79 -9.53
C THR A 84 -5.09 1.66 -8.53
N ARG A 85 -4.05 0.86 -8.79
CA ARG A 85 -3.72 -0.28 -7.94
C ARG A 85 -2.22 -0.26 -7.69
N ARG A 86 -1.84 -0.51 -6.45
CA ARG A 86 -0.45 -0.51 -6.06
C ARG A 86 0.06 -1.92 -5.94
N LEU A 87 1.38 -2.03 -5.77
CA LEU A 87 2.05 -3.30 -5.67
C LEU A 87 2.01 -3.92 -4.28
N SER A 88 1.87 -3.09 -3.25
CA SER A 88 1.78 -3.59 -1.90
C SER A 88 0.38 -4.12 -1.59
N GLY A 89 0.30 -5.06 -0.66
CA GLY A 89 -0.98 -5.56 -0.18
C GLY A 89 -1.68 -4.54 0.70
N GLY A 90 -2.68 -5.01 1.42
CA GLY A 90 -3.45 -4.14 2.28
C GLY A 90 -4.72 -3.70 1.60
N GLY A 91 -5.36 -2.70 2.22
CA GLY A 91 -6.71 -2.27 1.85
C GLY A 91 -6.73 -1.07 0.93
N ALA A 92 -7.95 -0.58 0.70
CA ALA A 92 -8.20 0.52 -0.21
C ALA A 92 -8.01 1.84 0.50
N VAL A 93 -7.44 2.81 -0.18
CA VAL A 93 -7.21 4.12 0.40
C VAL A 93 -7.76 5.19 -0.52
N TYR A 94 -8.41 6.21 0.06
CA TYR A 94 -8.72 7.44 -0.67
C TYR A 94 -7.76 8.54 -0.27
N ASP A 95 -7.11 9.18 -1.26
CA ASP A 95 -6.21 10.34 -1.01
C ASP A 95 -6.76 11.56 -1.73
N ASP A 96 -6.45 12.74 -1.19
CA ASP A 96 -6.72 14.01 -1.85
C ASP A 96 -5.60 14.97 -1.46
N LEU A 97 -5.72 16.25 -1.83
CA LEU A 97 -4.64 17.21 -1.59
C LEU A 97 -4.44 17.53 -0.09
N GLY A 98 -5.26 16.91 0.77
CA GLY A 98 -5.04 16.99 2.24
C GLY A 98 -4.20 15.85 2.81
N ASN A 99 -3.73 14.96 1.95
CA ASN A 99 -2.85 13.86 2.31
C ASN A 99 -1.41 14.08 1.80
N VAL A 100 -0.43 13.63 2.56
CA VAL A 100 0.92 13.40 2.03
C VAL A 100 1.30 11.95 2.29
N SER A 101 1.88 11.33 1.29
CA SER A 101 2.29 9.96 1.42
C SER A 101 3.78 9.94 1.54
N PHE A 102 4.30 9.01 2.34
CA PHE A 102 5.71 8.87 2.50
C PHE A 102 6.09 7.44 2.10
N SER A 103 7.34 7.24 1.75
CA SER A 103 7.82 5.90 1.42
C SER A 103 9.29 5.79 1.79
N PHE A 104 9.64 4.75 2.53
CA PHE A 104 11.03 4.40 2.78
C PHE A 104 11.46 3.25 1.89
N VAL A 105 12.41 3.51 0.98
CA VAL A 105 12.89 2.52 0.02
C VAL A 105 14.26 2.04 0.49
N VAL A 106 14.37 0.75 0.80
CA VAL A 106 15.54 0.22 1.48
C VAL A 106 15.88 -1.22 1.05
N GLN A 107 17.10 -1.64 1.35
CA GLN A 107 17.49 -3.05 1.25
C GLN A 107 16.74 -3.86 2.33
N GLU A 108 16.18 -4.98 1.94
CA GLU A 108 15.39 -5.79 2.87
C GLU A 108 16.30 -6.67 3.72
N GLY A 109 16.37 -6.39 5.02
CA GLY A 109 17.00 -7.30 5.99
C GLY A 109 16.08 -8.51 6.23
N HIS A 110 16.58 -9.55 6.90
CA HIS A 110 15.77 -10.77 7.07
C HIS A 110 14.46 -10.57 7.87
N GLN A 111 14.54 -9.71 8.88
CA GLN A 111 13.42 -9.46 9.82
C GLN A 111 12.49 -8.29 9.39
N ALA A 112 12.88 -7.57 8.35
CA ALA A 112 12.37 -6.25 8.08
C ALA A 112 10.90 -6.25 7.59
N PHE A 113 10.53 -7.21 6.74
CA PHE A 113 9.19 -7.21 6.13
C PHE A 113 8.09 -7.48 7.15
N GLY A 114 7.10 -6.57 7.20
CA GLY A 114 6.02 -6.61 8.19
C GLY A 114 6.34 -5.92 9.50
N ASP A 115 7.57 -5.41 9.67
CA ASP A 115 7.97 -4.69 10.89
C ASP A 115 7.56 -3.21 10.79
N PHE A 116 6.27 -2.96 10.82
CA PHE A 116 5.77 -1.60 10.68
C PHE A 116 6.22 -0.71 11.84
N LYS A 117 6.38 -1.29 13.02
CA LYS A 117 6.81 -0.53 14.17
C LYS A 117 8.17 0.14 13.91
N ALA A 118 9.13 -0.61 13.40
CA ALA A 118 10.45 -0.04 13.13
C ALA A 118 10.40 0.99 12.00
N PHE A 119 9.69 0.67 10.92
CA PHE A 119 9.62 1.59 9.77
C PHE A 119 8.79 2.87 10.00
N THR A 120 7.83 2.83 10.91
CA THR A 120 7.03 4.03 11.21
C THR A 120 7.57 4.82 12.38
N LYS A 121 8.53 4.27 13.13
CA LYS A 121 9.09 4.95 14.32
C LYS A 121 9.53 6.40 14.04
N PRO A 122 10.23 6.63 12.90
CA PRO A 122 10.68 8.01 12.65
C PRO A 122 9.56 8.98 12.32
N ILE A 123 8.48 8.47 11.75
CA ILE A 123 7.32 9.30 11.42
C ILE A 123 6.62 9.71 12.73
N ILE A 124 6.40 8.72 13.60
CA ILE A 124 5.84 8.98 14.93
C ILE A 124 6.64 10.00 15.68
N GLU A 125 7.96 9.82 15.70
CA GLU A 125 8.85 10.70 16.44
C GLU A 125 8.84 12.10 15.86
N ALA A 126 8.82 12.22 14.53
CA ALA A 126 8.68 13.52 13.87
C ALA A 126 7.36 14.19 14.26
N LEU A 127 6.27 13.42 14.25
CA LEU A 127 4.96 13.93 14.60
C LEU A 127 4.89 14.36 16.06
N HIS A 128 5.48 13.57 16.94
CA HIS A 128 5.61 13.96 18.35
C HIS A 128 6.32 15.31 18.44
N LYS A 129 7.40 15.47 17.68
CA LYS A 129 8.16 16.74 17.72
C LYS A 129 7.36 17.91 17.14
N MET A 130 6.41 17.62 16.29
CA MET A 130 5.57 18.66 15.71
C MET A 130 4.31 18.90 16.57
N GLY A 131 4.24 18.26 17.74
CA GLY A 131 3.18 18.51 18.74
C GLY A 131 2.12 17.43 18.86
N ALA A 132 2.15 16.44 17.97
CA ALA A 132 1.12 15.40 17.93
C ALA A 132 1.49 14.24 18.87
N THR A 133 1.58 14.54 20.16
CA THR A 133 2.04 13.60 21.15
C THR A 133 1.02 12.51 21.37
N GLY A 134 1.51 11.33 21.73
CA GLY A 134 0.66 10.16 21.92
C GLY A 134 0.32 9.42 20.64
N ALA A 135 0.80 9.91 19.50
CA ALA A 135 0.66 9.18 18.23
C ALA A 135 1.34 7.83 18.36
N GLU A 136 0.69 6.77 17.89
CA GLU A 136 1.21 5.41 18.09
C GLU A 136 0.79 4.42 17.02
N ILE A 137 1.53 3.33 16.91
CA ILE A 137 1.20 2.30 15.97
C ILE A 137 0.15 1.39 16.59
N SER A 138 -0.83 0.95 15.81
CA SER A 138 -1.90 0.09 16.31
C SER A 138 -2.57 -0.69 15.18
N GLY A 139 -3.17 -1.82 15.53
CA GLY A 139 -3.76 -2.72 14.52
C GLY A 139 -2.70 -3.18 13.53
N ARG A 140 -1.46 -3.29 14.01
CA ARG A 140 -0.30 -3.71 13.22
C ARG A 140 0.22 -2.65 12.21
N ASN A 141 -0.63 -2.14 11.29
CA ASN A 141 -0.14 -1.18 10.24
C ASN A 141 -0.73 0.25 10.21
N ASP A 142 -1.54 0.60 11.21
CA ASP A 142 -2.14 1.95 11.28
C ASP A 142 -1.45 2.80 12.32
N LEU A 143 -1.48 4.10 12.10
CA LEU A 143 -1.03 5.02 13.12
C LEU A 143 -2.22 5.73 13.67
N LEU A 144 -2.32 5.78 15.00
CA LEU A 144 -3.48 6.36 15.67
C LEU A 144 -3.08 7.47 16.59
N ILE A 145 -4.01 8.37 16.84
CA ILE A 145 -3.87 9.36 17.89
C ILE A 145 -5.22 9.51 18.61
N ASP A 146 -5.21 9.42 19.93
CA ASP A 146 -6.46 9.43 20.71
C ASP A 146 -7.49 8.40 20.20
N GLY A 147 -7.02 7.20 19.82
CA GLY A 147 -7.91 6.12 19.36
C GLY A 147 -8.38 6.21 17.92
N LYS A 148 -7.87 7.19 17.16
CA LYS A 148 -8.34 7.46 15.81
C LYS A 148 -7.21 7.39 14.78
N LYS A 149 -7.48 6.72 13.66
CA LYS A 149 -6.51 6.50 12.62
C LYS A 149 -6.30 7.75 11.78
N PHE A 150 -5.04 8.14 11.60
CA PHE A 150 -4.64 9.16 10.65
C PHE A 150 -3.69 8.65 9.54
N SER A 151 -3.31 7.37 9.59
CA SER A 151 -2.36 6.79 8.64
C SER A 151 -2.57 5.30 8.52
N GLY A 152 -2.49 4.80 7.28
CA GLY A 152 -2.36 3.38 7.01
C GLY A 152 -1.06 3.13 6.22
N ASN A 153 -0.46 1.96 6.46
CA ASN A 153 0.82 1.62 5.89
C ASN A 153 0.82 0.26 5.22
N ALA A 154 1.69 0.11 4.23
CA ALA A 154 1.83 -1.16 3.50
C ALA A 154 3.28 -1.33 3.08
N MET A 155 3.66 -2.58 2.79
CA MET A 155 5.01 -2.91 2.36
C MET A 155 4.99 -3.75 1.10
N TYR A 156 6.02 -3.58 0.29
CA TYR A 156 6.22 -4.39 -0.89
C TYR A 156 7.69 -4.76 -0.97
N THR A 157 8.00 -5.98 -1.36
CA THR A 157 9.36 -6.33 -1.55
C THR A 157 9.53 -7.13 -2.85
N LYS A 158 10.64 -6.89 -3.51
CA LYS A 158 11.01 -7.63 -4.70
C LYS A 158 12.54 -7.64 -4.82
N LYS A 159 13.10 -8.85 -4.87
CA LYS A 159 14.54 -9.09 -5.02
C LYS A 159 15.41 -8.39 -3.97
N GLY A 160 15.04 -8.55 -2.70
CA GLY A 160 15.84 -8.01 -1.58
C GLY A 160 15.80 -6.49 -1.41
N LYS A 161 14.91 -5.84 -2.15
CA LYS A 161 14.69 -4.41 -1.98
C LYS A 161 13.24 -4.26 -1.59
N MET A 162 12.94 -3.30 -0.74
CA MET A 162 11.57 -3.09 -0.35
C MET A 162 11.24 -1.64 -0.14
N TYR A 163 9.94 -1.34 -0.16
CA TYR A 163 9.49 -0.09 0.40
C TYR A 163 8.41 -0.31 1.42
N THR A 164 8.34 0.62 2.37
CA THR A 164 7.20 0.75 3.22
C THR A 164 6.64 2.11 2.96
N HIS A 165 5.38 2.16 2.53
CA HIS A 165 4.74 3.44 2.27
C HIS A 165 3.47 3.61 3.03
N GLY A 166 3.14 4.84 3.30
CA GLY A 166 2.01 5.17 4.15
C GLY A 166 1.41 6.50 3.81
N THR A 167 0.17 6.68 4.26
CA THR A 167 -0.57 7.92 4.17
C THR A 167 -0.44 8.72 5.47
N LEU A 168 -0.51 10.05 5.36
CA LEU A 168 -0.65 10.92 6.52
C LEU A 168 -1.78 11.90 6.24
N MET A 169 -2.88 11.72 6.93
CA MET A 169 -4.02 12.61 6.78
C MET A 169 -3.84 13.93 7.57
N TYR A 170 -3.62 15.01 6.83
CA TYR A 170 -3.43 16.33 7.41
C TYR A 170 -4.73 17.10 7.36
N ASP A 171 -5.34 17.12 6.17
CA ASP A 171 -6.62 17.81 5.93
C ASP A 171 -7.47 17.11 4.84
N VAL A 172 -7.56 15.78 4.92
CA VAL A 172 -8.33 15.01 4.00
C VAL A 172 -9.79 15.28 4.26
N ASP A 173 -10.60 15.20 3.21
CA ASP A 173 -12.04 15.30 3.34
C ASP A 173 -12.56 13.93 3.80
N LEU A 174 -12.83 13.80 5.09
CA LEU A 174 -13.21 12.51 5.67
C LEU A 174 -14.56 12.01 5.21
N ALA A 175 -15.44 12.91 4.84
CA ALA A 175 -16.74 12.55 4.31
C ALA A 175 -16.58 11.86 2.95
N GLU A 176 -15.61 12.33 2.16
CA GLU A 176 -15.40 11.78 0.82
C GLU A 176 -14.81 10.37 0.90
N VAL A 177 -13.87 10.16 1.84
CA VAL A 177 -13.34 8.84 2.14
C VAL A 177 -14.50 7.84 2.32
N GLN A 178 -15.42 8.15 3.22
CA GLN A 178 -16.56 7.26 3.49
C GLN A 178 -17.52 7.06 2.29
N ARG A 179 -17.72 8.11 1.48
CA ARG A 179 -18.62 8.03 0.33
C ARG A 179 -18.05 7.15 -0.82
N VAL A 180 -16.75 7.24 -1.08
CA VAL A 180 -16.23 6.56 -2.27
C VAL A 180 -15.79 5.11 -2.02
N LEU A 181 -15.42 4.78 -0.78
CA LEU A 181 -15.15 3.42 -0.36
C LEU A 181 -16.42 2.74 0.25
N THR A 182 -16.63 1.46 -0.05
CA THR A 182 -17.81 0.72 0.45
C THR A 182 -17.49 -0.34 1.51
N ARG A 199 -12.72 4.56 13.52
CA ARG A 199 -12.68 6.01 13.70
C ARG A 199 -11.42 6.58 13.07
N VAL A 200 -11.57 7.62 12.25
CA VAL A 200 -10.45 8.24 11.54
C VAL A 200 -10.34 9.70 11.94
N THR A 201 -9.19 10.31 11.66
CA THR A 201 -8.99 11.71 11.99
C THR A 201 -7.88 12.34 11.18
N ASN A 202 -7.93 13.66 11.10
CA ASN A 202 -6.85 14.45 10.55
C ASN A 202 -5.87 14.85 11.62
N LEU A 203 -4.61 15.03 11.23
CA LEU A 203 -3.58 15.47 12.15
C LEU A 203 -3.65 16.91 12.56
N ARG A 204 -4.21 17.77 11.72
CA ARG A 204 -4.06 19.22 11.92
C ARG A 204 -4.42 19.70 13.34
N PRO A 205 -5.57 19.26 13.91
CA PRO A 205 -5.98 19.67 15.25
C PRO A 205 -5.02 19.26 16.39
N TYR A 206 -4.16 18.28 16.14
CA TYR A 206 -3.26 17.73 17.15
C TYR A 206 -1.86 18.30 17.09
N LEU A 207 -1.51 18.95 15.96
CA LEU A 207 -0.18 19.58 15.81
C LEU A 207 -0.08 20.86 16.61
N ASP A 208 1.14 21.29 16.94
N ASP A 208 1.14 21.27 16.95
CA ASP A 208 1.35 22.58 17.61
CA ASP A 208 1.42 22.57 17.58
C ASP A 208 0.86 23.70 16.71
C ASP A 208 0.86 23.70 16.70
N GLU A 209 0.47 24.81 17.33
CA GLU A 209 -0.08 25.96 16.61
C GLU A 209 0.69 26.40 15.38
N LYS A 210 2.03 26.37 15.44
CA LYS A 210 2.86 26.82 14.30
C LYS A 210 2.75 25.93 13.05
N TYR A 211 2.26 24.69 13.21
CA TYR A 211 2.06 23.79 12.11
C TYR A 211 0.58 23.60 11.72
N GLN A 212 -0.31 24.37 12.33
CA GLN A 212 -1.76 24.19 12.14
C GLN A 212 -2.34 24.90 10.95
N GLN A 213 -1.60 25.79 10.31
CA GLN A 213 -2.10 26.42 9.07
C GLN A 213 -1.09 26.30 7.90
N LEU A 214 -0.51 25.11 7.74
CA LEU A 214 0.45 24.87 6.68
C LEU A 214 -0.25 24.42 5.43
N THR A 215 0.30 24.79 4.26
CA THR A 215 -0.06 24.09 3.03
C THR A 215 0.36 22.65 3.16
N ILE A 216 -0.25 21.78 2.37
CA ILE A 216 0.14 20.39 2.35
C ILE A 216 1.63 20.26 2.00
N GLU A 217 2.13 21.16 1.15
CA GLU A 217 3.56 21.16 0.77
C GLU A 217 4.46 21.53 1.93
N GLU A 218 4.05 22.55 2.71
CA GLU A 218 4.76 22.94 3.92
C GLU A 218 4.73 21.84 4.97
N PHE A 219 3.60 21.18 5.13
CA PHE A 219 3.52 20.04 6.06
C PHE A 219 4.54 18.95 5.66
N ARG A 220 4.51 18.57 4.39
CA ARG A 220 5.50 17.64 3.82
C ARG A 220 6.95 18.08 4.11
N ASN A 221 7.27 19.33 3.79
CA ASN A 221 8.63 19.84 3.99
C ASN A 221 9.05 19.82 5.47
N ARG A 222 8.13 20.16 6.38
CA ARG A 222 8.45 20.11 7.81
C ARG A 222 8.72 18.69 8.30
N LEU A 223 7.89 17.75 7.87
CA LEU A 223 8.15 16.31 8.12
C LEU A 223 9.53 15.91 7.67
N LEU A 224 9.88 16.30 6.44
CA LEU A 224 11.20 15.99 5.86
C LEU A 224 12.32 16.53 6.75
N MET A 225 12.18 17.78 7.17
CA MET A 225 13.16 18.43 8.03
C MET A 225 13.29 17.76 9.40
N GLU A 226 12.19 17.29 9.96
CA GLU A 226 12.23 16.49 11.19
C GLU A 226 12.95 15.17 11.01
N LEU A 227 12.70 14.49 9.90
CA LEU A 227 13.36 13.22 9.61
C LEU A 227 14.87 13.32 9.53
N PHE A 228 15.37 14.41 8.92
CA PHE A 228 16.81 14.63 8.80
C PHE A 228 17.37 15.52 9.94
N ASP A 229 16.47 15.93 10.84
CA ASP A 229 16.84 16.69 12.04
C ASP A 229 17.58 17.99 11.71
N VAL A 230 16.96 18.77 10.80
CA VAL A 230 17.47 20.06 10.38
C VAL A 230 16.38 21.12 10.51
N GLU A 231 16.78 22.39 10.41
CA GLU A 231 15.86 23.54 10.53
C GLU A 231 15.36 24.06 9.19
N SER A 232 16.18 23.90 8.14
CA SER A 232 15.80 24.33 6.78
C SER A 232 16.21 23.31 5.73
N LEU A 233 15.51 23.33 4.61
CA LEU A 233 15.78 22.44 3.47
C LEU A 233 17.16 22.67 2.87
N THR A 234 17.71 23.88 3.02
CA THR A 234 19.04 24.17 2.45
C THR A 234 20.16 23.34 3.14
N GLU A 235 19.91 22.93 4.38
CA GLU A 235 20.86 22.07 5.11
C GLU A 235 20.94 20.62 4.55
N ILE A 236 20.01 20.22 3.67
CA ILE A 236 20.04 18.87 3.04
C ILE A 236 19.77 18.87 1.51
N ALA A 237 19.98 20.01 0.85
CA ALA A 237 19.75 20.12 -0.61
C ALA A 237 20.57 19.11 -1.44
N GLU A 238 21.78 18.79 -0.97
CA GLU A 238 22.63 17.81 -1.65
C GLU A 238 22.15 16.35 -1.46
N LYS A 239 21.29 16.11 -0.47
CA LYS A 239 20.69 14.77 -0.27
C LYS A 239 19.50 14.51 -1.18
N GLU A 240 18.98 15.54 -1.86
CA GLU A 240 17.88 15.32 -2.81
C GLU A 240 18.38 14.51 -3.99
N TYR A 241 17.60 13.51 -4.41
CA TYR A 241 17.79 12.89 -5.71
C TYR A 241 16.77 13.50 -6.65
N VAL A 242 17.25 14.02 -7.78
CA VAL A 242 16.39 14.66 -8.78
C VAL A 242 16.24 13.72 -9.98
N LEU A 243 15.00 13.51 -10.40
CA LEU A 243 14.70 12.59 -11.49
C LEU A 243 15.23 13.12 -12.79
N THR A 244 16.03 12.30 -13.50
CA THR A 244 16.55 12.67 -14.82
C THR A 244 15.46 12.45 -15.87
N LYS A 245 15.77 12.75 -17.13
CA LYS A 245 14.81 12.54 -18.23
C LYS A 245 14.75 11.07 -18.63
N ALA A 246 15.85 10.34 -18.46
CA ALA A 246 15.86 8.88 -18.64
C ALA A 246 14.96 8.22 -17.59
N ASP A 247 14.96 8.76 -16.38
CA ASP A 247 14.05 8.30 -15.35
C ASP A 247 12.60 8.57 -15.77
N GLN A 248 12.33 9.80 -16.22
CA GLN A 248 10.96 10.24 -16.55
C GLN A 248 10.38 9.43 -17.68
N GLN A 249 11.22 9.04 -18.62
CA GLN A 249 10.81 8.21 -19.74
C GLN A 249 10.34 6.84 -19.23
N GLU A 250 11.16 6.17 -18.41
CA GLU A 250 10.79 4.86 -17.86
C GLU A 250 9.52 4.90 -16.98
N ILE A 251 9.37 5.98 -16.22
CA ILE A 251 8.19 6.18 -15.38
C ILE A 251 6.92 6.32 -16.23
N ARG A 252 7.02 7.11 -17.28
CA ARG A 252 5.98 7.24 -18.29
C ARG A 252 5.52 5.88 -18.83
N LYS A 253 6.48 4.99 -19.12
CA LYS A 253 6.18 3.62 -19.59
C LYS A 253 5.43 2.82 -18.55
N LEU A 254 5.81 2.94 -17.28
CA LEU A 254 5.10 2.25 -16.18
C LEU A 254 3.66 2.72 -16.02
N VAL A 255 3.42 4.01 -16.22
CA VAL A 255 2.06 4.55 -16.16
C VAL A 255 1.21 3.93 -17.29
N ALA A 256 1.76 3.88 -18.50
CA ALA A 256 1.02 3.30 -19.64
C ALA A 256 0.74 1.80 -19.47
N GLU A 257 1.73 1.06 -19.02
CA GLU A 257 1.64 -0.39 -18.98
C GLU A 257 1.00 -0.93 -17.68
N VAL A 258 1.07 -0.16 -16.60
CA VAL A 258 0.59 -0.62 -15.28
C VAL A 258 -0.40 0.36 -14.64
N TYR A 259 0.08 1.47 -14.09
CA TYR A 259 -0.74 2.28 -13.18
C TYR A 259 -1.93 3.00 -13.82
N GLY A 260 -1.88 3.22 -15.13
CA GLY A 260 -3.01 3.77 -15.86
C GLY A 260 -3.69 2.73 -16.74
N ASN A 261 -3.30 1.46 -16.57
CA ASN A 261 -3.78 0.39 -17.44
C ASN A 261 -5.00 -0.30 -16.86
N GLU A 262 -6.11 -0.19 -17.58
CA GLU A 262 -7.38 -0.75 -17.18
C GLU A 262 -7.27 -2.21 -16.74
N ALA A 263 -6.46 -3.00 -17.45
CA ALA A 263 -6.29 -4.44 -17.14
C ALA A 263 -5.65 -4.63 -15.75
N TRP A 264 -4.68 -3.80 -15.42
CA TRP A 264 -4.00 -3.85 -14.13
C TRP A 264 -4.92 -3.34 -13.02
N ILE A 265 -5.56 -2.20 -13.27
CA ILE A 265 -6.41 -1.58 -12.27
C ILE A 265 -7.62 -2.46 -11.92
N PHE A 266 -8.40 -2.85 -12.92
CA PHE A 266 -9.67 -3.55 -12.69
C PHE A 266 -9.54 -5.07 -12.73
N GLY A 267 -8.61 -5.60 -13.54
CA GLY A 267 -8.38 -7.06 -13.58
C GLY A 267 -9.49 -7.79 -14.35
N GLU A 268 -9.28 -9.07 -14.64
CA GLU A 268 -10.29 -9.84 -15.40
C GLU A 268 -11.38 -10.34 -14.47
N ALA A 269 -12.59 -10.53 -15.01
CA ALA A 269 -13.69 -11.02 -14.20
C ALA A 269 -13.43 -12.49 -13.83
N PRO A 270 -13.47 -12.81 -12.52
CA PRO A 270 -13.30 -14.18 -12.13
C PRO A 270 -14.47 -15.05 -12.60
N LYS A 271 -14.18 -16.26 -13.04
CA LYS A 271 -15.20 -17.24 -13.41
C LYS A 271 -15.41 -18.13 -12.19
N PHE A 272 -16.61 -18.09 -11.61
CA PHE A 272 -16.84 -18.84 -10.38
C PHE A 272 -18.30 -19.17 -10.09
N THR A 273 -18.50 -20.24 -9.33
CA THR A 273 -19.82 -20.54 -8.73
C THR A 273 -19.72 -20.64 -7.19
N ILE A 274 -18.51 -20.67 -6.65
CA ILE A 274 -18.27 -20.84 -5.21
C ILE A 274 -17.44 -19.66 -4.74
N LYS A 275 -17.87 -19.04 -3.65
CA LYS A 275 -17.12 -17.95 -3.01
C LYS A 275 -16.89 -18.32 -1.55
N LYS A 276 -15.62 -18.26 -1.12
CA LYS A 276 -15.22 -18.54 0.28
C LYS A 276 -14.53 -17.31 0.81
N GLU A 277 -15.07 -16.70 1.85
CA GLU A 277 -14.46 -15.50 2.40
C GLU A 277 -14.32 -15.63 3.89
N GLU A 278 -13.12 -15.32 4.41
CA GLU A 278 -12.90 -15.29 5.86
C GLU A 278 -11.91 -14.19 6.25
N LYS A 279 -12.08 -13.67 7.46
CA LYS A 279 -11.11 -12.74 8.07
C LYS A 279 -10.17 -13.49 9.04
N PHE A 280 -8.88 -13.34 8.82
CA PHE A 280 -7.85 -13.96 9.63
C PHE A 280 -7.06 -12.88 10.31
N LYS A 281 -6.16 -13.27 11.22
CA LYS A 281 -5.21 -12.34 11.82
C LYS A 281 -4.56 -11.42 10.75
N GLY A 282 -4.20 -12.00 9.61
CA GLY A 282 -3.52 -11.25 8.55
C GLY A 282 -4.38 -10.51 7.56
N GLY A 283 -5.71 -10.57 7.76
CA GLY A 283 -6.67 -9.85 6.93
C GLY A 283 -7.67 -10.77 6.28
N ILE A 284 -8.46 -10.21 5.36
CA ILE A 284 -9.46 -10.96 4.61
C ILE A 284 -8.87 -11.70 3.40
N VAL A 285 -9.25 -12.97 3.24
CA VAL A 285 -9.07 -13.72 2.00
C VAL A 285 -10.45 -14.07 1.43
N ASP A 286 -10.62 -13.82 0.13
CA ASP A 286 -11.87 -14.03 -0.61
C ASP A 286 -11.51 -14.89 -1.83
N ALA A 287 -11.89 -16.16 -1.80
CA ALA A 287 -11.56 -17.09 -2.86
C ALA A 287 -12.78 -17.37 -3.72
N ARG A 288 -12.58 -17.35 -5.03
CA ARG A 288 -13.66 -17.60 -5.99
C ARG A 288 -13.27 -18.79 -6.87
N LEU A 289 -14.09 -19.84 -6.84
CA LEU A 289 -13.77 -21.12 -7.45
C LEU A 289 -14.78 -21.55 -8.46
N THR A 290 -14.28 -22.22 -9.49
CA THR A 290 -15.10 -23.08 -10.36
C THR A 290 -14.58 -24.48 -10.15
N VAL A 291 -15.48 -25.40 -9.82
CA VAL A 291 -15.14 -26.81 -9.63
C VAL A 291 -15.98 -27.69 -10.55
N GLU A 292 -15.33 -28.56 -11.30
CA GLU A 292 -16.02 -29.42 -12.25
C GLU A 292 -15.43 -30.81 -12.19
N LYS A 293 -16.32 -31.79 -12.04
CA LYS A 293 -15.92 -33.19 -11.86
C LYS A 293 -14.90 -33.35 -10.73
N GLY A 294 -15.10 -32.60 -9.66
CA GLY A 294 -14.24 -32.72 -8.49
C GLY A 294 -12.86 -32.09 -8.63
N LYS A 295 -12.66 -31.27 -9.66
CA LYS A 295 -11.38 -30.60 -9.84
C LYS A 295 -11.53 -29.11 -9.89
N ILE A 296 -10.53 -28.41 -9.39
CA ILE A 296 -10.52 -26.96 -9.48
C ILE A 296 -10.14 -26.59 -10.91
N ILE A 297 -11.05 -25.87 -11.58
CA ILE A 297 -10.89 -25.43 -12.96
C ILE A 297 -10.49 -23.96 -13.02
N GLU A 298 -11.05 -23.16 -12.12
CA GLU A 298 -10.75 -21.72 -12.05
C GLU A 298 -10.65 -21.28 -10.59
N LEU A 299 -9.65 -20.44 -10.31
CA LEU A 299 -9.46 -19.90 -8.96
C LEU A 299 -8.98 -18.47 -9.06
N THR A 300 -9.59 -17.59 -8.28
CA THR A 300 -9.17 -16.20 -8.14
C THR A 300 -9.12 -15.95 -6.65
N ILE A 301 -8.06 -15.30 -6.20
CA ILE A 301 -7.93 -15.00 -4.77
C ILE A 301 -7.84 -13.49 -4.60
N TYR A 302 -8.74 -12.95 -3.80
CA TYR A 302 -8.77 -11.54 -3.49
C TYR A 302 -8.49 -11.42 -2.00
N GLY A 303 -8.08 -10.23 -1.58
CA GLY A 303 -7.91 -9.94 -0.16
C GLY A 303 -7.13 -8.71 0.10
N ASP A 304 -6.97 -8.40 1.39
CA ASP A 304 -6.22 -7.23 1.84
C ASP A 304 -5.03 -7.63 2.73
N TYR A 305 -4.57 -8.86 2.56
CA TYR A 305 -3.41 -9.37 3.26
C TYR A 305 -2.14 -8.77 2.70
N PHE A 306 -1.04 -8.96 3.43
CA PHE A 306 0.28 -8.58 2.95
C PHE A 306 1.02 -9.84 2.52
N ALA A 307 2.01 -9.68 1.65
CA ALA A 307 2.69 -10.84 0.99
C ALA A 307 3.98 -10.40 0.40
N LYS A 308 5.00 -11.26 0.50
CA LYS A 308 6.28 -11.02 -0.13
C LYS A 308 6.26 -11.46 -1.57
N LYS A 309 5.43 -12.44 -1.87
CA LYS A 309 5.35 -13.00 -3.21
C LYS A 309 3.94 -12.92 -3.77
N GLU A 310 3.84 -13.05 -5.09
CA GLU A 310 2.60 -12.90 -5.81
C GLU A 310 1.71 -14.11 -5.58
N THR A 311 0.45 -13.84 -5.35
CA THR A 311 -0.56 -14.85 -5.13
C THR A 311 -0.82 -15.73 -6.38
N THR A 312 -0.50 -15.20 -7.56
CA THR A 312 -0.64 -15.98 -8.79
C THR A 312 0.07 -17.34 -8.75
N GLU A 313 1.19 -17.45 -8.03
CA GLU A 313 1.91 -18.73 -7.93
C GLU A 313 1.07 -19.80 -7.18
N ILE A 314 0.33 -19.36 -6.17
CA ILE A 314 -0.57 -20.26 -5.42
C ILE A 314 -1.70 -20.75 -6.32
N VAL A 315 -2.32 -19.82 -7.07
CA VAL A 315 -3.37 -20.17 -8.03
C VAL A 315 -2.89 -21.18 -9.07
N ALA A 316 -1.71 -20.92 -9.64
CA ALA A 316 -1.19 -21.76 -10.69
C ALA A 316 -0.99 -23.19 -10.19
N ALA A 317 -0.65 -23.35 -8.91
CA ALA A 317 -0.41 -24.68 -8.33
C ALA A 317 -1.72 -25.44 -8.06
N LEU A 318 -2.82 -24.72 -8.00
CA LEU A 318 -4.09 -25.37 -7.66
C LEU A 318 -4.96 -25.72 -8.86
N LEU A 319 -4.66 -25.17 -10.03
CA LEU A 319 -5.47 -25.44 -11.21
C LEU A 319 -5.34 -26.91 -11.61
N GLY A 320 -6.47 -27.59 -11.77
CA GLY A 320 -6.51 -28.99 -12.14
C GLY A 320 -6.33 -29.92 -10.93
N VAL A 321 -6.24 -29.37 -9.74
CA VAL A 321 -6.07 -30.22 -8.54
C VAL A 321 -7.42 -30.68 -8.01
N ASP A 322 -7.46 -31.90 -7.47
CA ASP A 322 -8.71 -32.41 -6.90
C ASP A 322 -9.17 -31.52 -5.77
N TYR A 323 -10.46 -31.22 -5.76
CA TYR A 323 -11.02 -30.31 -4.78
C TYR A 323 -11.27 -31.02 -3.45
N GLN A 324 -10.17 -31.30 -2.74
CA GLN A 324 -10.24 -31.91 -1.42
C GLN A 324 -9.04 -31.46 -0.59
N TYR A 325 -9.17 -31.53 0.72
CA TYR A 325 -8.14 -30.95 1.59
C TYR A 325 -6.77 -31.56 1.30
N SER A 326 -6.69 -32.88 1.34
CA SER A 326 -5.42 -33.59 1.22
C SER A 326 -4.74 -33.25 -0.10
N SER A 327 -5.51 -33.16 -1.18
CA SER A 327 -4.91 -32.91 -2.52
C SER A 327 -4.46 -31.45 -2.66
N ILE A 328 -5.26 -30.54 -2.14
CA ILE A 328 -4.92 -29.13 -2.12
C ILE A 328 -3.67 -28.89 -1.23
N TRP A 329 -3.65 -29.50 -0.05
CA TRP A 329 -2.49 -29.32 0.83
C TRP A 329 -1.21 -29.83 0.13
N GLN A 330 -1.27 -31.04 -0.44
CA GLN A 330 -0.14 -31.63 -1.11
C GLN A 330 0.36 -30.74 -2.28
N ALA A 331 -0.55 -30.18 -3.03
CA ALA A 331 -0.20 -29.23 -4.11
C ALA A 331 0.51 -27.97 -3.59
N LEU A 332 0.23 -27.59 -2.33
CA LEU A 332 0.86 -26.42 -1.72
C LEU A 332 1.96 -26.79 -0.72
N ALA A 333 2.36 -28.06 -0.70
CA ALA A 333 3.31 -28.57 0.30
C ALA A 333 4.61 -27.76 0.37
N ALA A 334 5.16 -27.40 -0.79
CA ALA A 334 6.51 -26.79 -0.82
C ALA A 334 6.49 -25.31 -0.52
N PHE A 335 5.33 -24.69 -0.45
CA PHE A 335 5.25 -23.24 -0.32
C PHE A 335 5.42 -22.83 1.13
N ASN A 336 6.20 -21.78 1.35
CA ASN A 336 6.33 -21.14 2.67
C ASN A 336 5.32 -20.06 2.76
N PHE A 337 4.27 -20.31 3.52
CA PHE A 337 3.15 -19.38 3.55
C PHE A 337 3.46 -18.03 4.20
N GLU A 338 4.54 -17.93 5.00
CA GLU A 338 5.03 -16.61 5.44
C GLU A 338 5.31 -15.70 4.22
N ASP A 339 5.63 -16.31 3.06
CA ASP A 339 5.92 -15.52 1.83
C ASP A 339 4.66 -15.04 1.10
N TYR A 340 3.58 -15.80 1.18
CA TYR A 340 2.41 -15.57 0.37
C TYR A 340 1.24 -14.90 1.07
N PHE A 341 1.08 -15.17 2.36
CA PHE A 341 -0.01 -14.57 3.15
C PHE A 341 0.53 -14.35 4.52
N VAL A 342 0.94 -13.10 4.82
CA VAL A 342 1.48 -12.79 6.16
C VAL A 342 0.40 -13.01 7.23
N ASN A 343 0.76 -13.76 8.28
CA ASN A 343 -0.17 -14.05 9.39
C ASN A 343 -1.48 -14.84 9.03
N ILE A 344 -1.40 -15.65 7.98
CA ILE A 344 -2.46 -16.57 7.61
C ILE A 344 -1.78 -17.88 7.29
N THR A 345 -2.17 -18.96 7.99
CA THR A 345 -1.44 -20.24 7.87
C THR A 345 -1.92 -21.04 6.64
N LYS A 346 -1.10 -21.98 6.23
CA LYS A 346 -1.42 -22.85 5.12
C LYS A 346 -2.69 -23.65 5.48
N GLU A 347 -2.74 -24.21 6.68
CA GLU A 347 -3.91 -24.93 7.15
C GLU A 347 -5.20 -24.06 7.09
N GLU A 348 -5.12 -22.84 7.58
CA GLU A 348 -6.24 -21.88 7.49
C GLU A 348 -6.73 -21.67 6.05
N PHE A 349 -5.78 -21.49 5.15
CA PHE A 349 -6.07 -21.22 3.77
C PHE A 349 -6.71 -22.44 3.10
N VAL A 350 -6.16 -23.61 3.35
CA VAL A 350 -6.72 -24.79 2.68
C VAL A 350 -8.15 -25.04 3.20
N HIS A 351 -8.35 -24.93 4.52
CA HIS A 351 -9.69 -25.07 5.10
C HIS A 351 -10.68 -24.05 4.53
N LEU A 352 -10.23 -22.81 4.37
CA LEU A 352 -11.03 -21.78 3.70
C LEU A 352 -11.50 -22.28 2.34
N LEU A 353 -10.57 -22.81 1.54
CA LEU A 353 -10.91 -23.22 0.19
C LEU A 353 -11.90 -24.34 0.11
N VAL A 354 -11.84 -25.29 1.05
CA VAL A 354 -12.60 -26.52 0.95
C VAL A 354 -13.74 -26.72 1.95
N ASP A 355 -13.73 -26.02 3.08
CA ASP A 355 -14.79 -26.23 4.10
C ASP A 355 -16.13 -25.70 3.57
#